data_6YV6
#
_entry.id   6YV6
#
_cell.length_a   130.690
_cell.length_b   44.310
_cell.length_c   30.810
_cell.angle_alpha   90.000
_cell.angle_beta   92.940
_cell.angle_gamma   90.000
#
_symmetry.space_group_name_H-M   'C 1 2 1'
#
loop_
_entity.id
_entity.type
_entity.pdbx_description
1 polymer 'Serine protease'
2 non-polymer 'PENTAETHYLENE GLYCOL'
3 non-polymer DI(HYDROXYETHYL)ETHER
4 water water
#
_entity_poly.entity_id   1
_entity_poly.type   'polypeptide(L)'
_entity_poly.pdbx_seq_one_letter_code
;EKQVTKVKDTNIFPYTGVVAFKSATGFVVGKNTILTNKHVSKNYKVGDRITAHPNSDKGNGGIYSIKKIINYPGKEDVSV
IQVEERAIERGPKGFNFNDNVTPFKYAAGAKAGERIKVIGYPHPYKNKYVLYESTGPVMSVEGSSIVYSAHTERGNSGSP
VLNSNNELVGIHFASDVKNDDNRNAYGVYFTPEIKKFIAENIDKGS
;
_entity_poly.pdbx_strand_id   A
#
loop_
_chem_comp.id
_chem_comp.type
_chem_comp.name
_chem_comp.formula
1PE non-polymer 'PENTAETHYLENE GLYCOL' 'C10 H22 O6'
PEG non-polymer DI(HYDROXYETHYL)ETHER 'C4 H10 O3'
#
# COMPACT_ATOMS: atom_id res chain seq x y z
N GLU A 1 -16.69 -13.32 7.73
CA GLU A 1 -15.75 -13.98 8.64
C GLU A 1 -14.35 -13.40 8.41
N LYS A 2 -13.48 -13.44 9.43
CA LYS A 2 -12.16 -12.78 9.30
C LYS A 2 -10.99 -13.75 9.38
N GLN A 3 -9.92 -13.51 8.59
CA GLN A 3 -8.72 -14.39 8.65
C GLN A 3 -7.47 -13.52 8.62
N VAL A 4 -6.45 -13.85 9.43
CA VAL A 4 -5.18 -13.15 9.43
C VAL A 4 -4.11 -14.22 9.25
N THR A 5 -3.21 -14.02 8.28
N THR A 5 -3.15 -13.96 8.38
CA THR A 5 -2.16 -14.99 7.94
CA THR A 5 -2.06 -14.90 8.17
C THR A 5 -0.83 -14.30 7.63
C THR A 5 -0.79 -14.13 7.91
N LYS A 6 0.29 -14.74 8.29
CA LYS A 6 1.64 -14.26 8.00
C LYS A 6 1.93 -14.76 6.57
N VAL A 7 2.48 -13.88 5.75
CA VAL A 7 2.80 -14.25 4.38
C VAL A 7 4.18 -14.93 4.36
N LYS A 8 4.27 -16.13 3.77
CA LYS A 8 5.53 -16.88 3.71
C LYS A 8 6.57 -16.28 2.73
N ASP A 9 6.13 -15.96 1.50
CA ASP A 9 6.98 -15.44 0.42
C ASP A 9 6.37 -14.17 -0.14
N THR A 10 7.14 -13.07 -0.11
CA THR A 10 6.64 -11.78 -0.56
C THR A 10 7.06 -11.43 -1.97
N ASN A 11 7.84 -12.32 -2.63
CA ASN A 11 8.35 -12.02 -3.97
C ASN A 11 7.48 -12.61 -5.06
N ILE A 12 6.19 -12.78 -4.75
CA ILE A 12 5.20 -13.22 -5.72
C ILE A 12 4.04 -12.24 -5.66
N PHE A 13 3.31 -12.12 -6.78
CA PHE A 13 2.17 -11.23 -6.82
C PHE A 13 1.10 -11.85 -5.91
N PRO A 14 0.31 -11.08 -5.12
CA PRO A 14 0.22 -9.60 -5.09
C PRO A 14 1.20 -8.88 -4.15
N TYR A 15 2.00 -9.63 -3.45
CA TYR A 15 2.89 -9.05 -2.43
C TYR A 15 3.94 -8.12 -3.06
N THR A 16 4.24 -8.33 -4.35
CA THR A 16 5.19 -7.52 -5.10
C THR A 16 4.66 -6.13 -5.41
N GLY A 17 3.42 -5.84 -5.03
CA GLY A 17 2.88 -4.50 -5.15
C GLY A 17 3.05 -3.68 -3.87
N VAL A 18 3.51 -4.33 -2.78
CA VAL A 18 3.53 -3.67 -1.46
C VAL A 18 4.94 -3.20 -1.10
N VAL A 19 5.02 -2.06 -0.41
CA VAL A 19 6.30 -1.53 0.04
C VAL A 19 6.26 -1.24 1.53
N ALA A 20 7.45 -1.16 2.13
CA ALA A 20 7.53 -0.79 3.55
C ALA A 20 8.26 0.52 3.72
N PHE A 21 7.71 1.36 4.56
CA PHE A 21 8.41 2.52 5.14
C PHE A 21 8.99 1.95 6.46
N LYS A 22 9.78 2.74 7.21
CA LYS A 22 10.27 2.26 8.47
C LYS A 22 9.11 1.92 9.44
N SER A 23 8.05 2.68 9.38
CA SER A 23 6.97 2.62 10.35
C SER A 23 5.61 2.19 9.81
N ALA A 24 5.47 2.03 8.47
CA ALA A 24 4.16 1.86 7.89
C ALA A 24 4.26 1.21 6.52
N THR A 25 3.15 1.14 5.83
CA THR A 25 3.06 0.46 4.54
C THR A 25 2.76 1.44 3.40
N GLY A 26 3.02 0.98 2.18
CA GLY A 26 2.56 1.65 0.98
C GLY A 26 2.38 0.63 -0.11
N PHE A 27 1.92 1.11 -1.31
CA PHE A 27 1.82 0.15 -2.41
C PHE A 27 2.03 0.89 -3.74
N VAL A 28 2.40 0.10 -4.76
CA VAL A 28 2.75 0.68 -6.06
C VAL A 28 1.49 0.89 -6.94
N VAL A 29 1.40 2.11 -7.56
CA VAL A 29 0.28 2.47 -8.43
C VAL A 29 0.72 2.82 -9.85
N GLY A 30 2.01 3.01 -10.05
CA GLY A 30 2.48 3.36 -11.39
C GLY A 30 3.98 3.53 -11.46
N LYS A 31 4.45 4.11 -12.59
CA LYS A 31 5.88 4.30 -12.81
C LYS A 31 6.48 5.13 -11.68
N ASN A 32 7.46 4.55 -10.96
CA ASN A 32 8.13 5.19 -9.81
C ASN A 32 7.19 5.77 -8.76
N THR A 33 5.96 5.26 -8.66
CA THR A 33 4.93 5.88 -7.85
C THR A 33 4.21 4.91 -6.93
N ILE A 34 4.17 5.34 -5.67
CA ILE A 34 3.56 4.64 -4.55
C ILE A 34 2.49 5.47 -3.89
N LEU A 35 1.57 4.79 -3.20
N LEU A 35 1.56 4.80 -3.21
CA LEU A 35 0.53 5.47 -2.43
CA LEU A 35 0.58 5.52 -2.40
C LEU A 35 0.65 5.06 -0.97
C LEU A 35 0.82 5.12 -0.96
N THR A 36 0.49 6.03 -0.06
CA THR A 36 0.46 5.80 1.40
C THR A 36 -0.56 6.79 2.00
N ASN A 37 -0.63 6.91 3.34
CA ASN A 37 -1.52 7.87 3.95
C ASN A 37 -0.74 9.16 4.13
N LYS A 38 -1.46 10.28 4.22
CA LYS A 38 -0.89 11.59 4.51
C LYS A 38 -0.26 11.55 5.91
N HIS A 39 -0.88 10.80 6.89
CA HIS A 39 -0.34 10.72 8.25
C HIS A 39 0.98 9.92 8.30
N VAL A 40 1.26 9.14 7.23
CA VAL A 40 2.52 8.45 7.08
C VAL A 40 3.51 9.41 6.41
N SER A 41 3.14 9.98 5.22
CA SER A 41 4.06 10.81 4.45
C SER A 41 4.60 12.01 5.22
N LYS A 42 3.79 12.56 6.13
CA LYS A 42 4.24 13.71 6.96
C LYS A 42 5.45 13.35 7.86
N ASN A 43 5.70 12.04 8.10
CA ASN A 43 6.88 11.60 8.89
C ASN A 43 8.09 11.34 8.07
N TYR A 44 8.02 11.60 6.74
CA TYR A 44 9.13 11.30 5.86
C TYR A 44 9.48 12.51 5.04
N LYS A 45 10.64 12.47 4.45
CA LYS A 45 11.09 13.58 3.63
C LYS A 45 11.75 13.05 2.41
N VAL A 46 11.93 13.93 1.43
CA VAL A 46 12.66 13.59 0.23
C VAL A 46 14.07 13.17 0.70
N GLY A 47 14.52 12.00 0.24
CA GLY A 47 15.81 11.47 0.66
C GLY A 47 15.67 10.27 1.57
N ASP A 48 14.50 10.16 2.23
CA ASP A 48 14.19 8.98 3.05
C ASP A 48 13.97 7.79 2.11
N ARG A 49 13.99 6.57 2.67
CA ARG A 49 13.92 5.40 1.81
C ARG A 49 12.70 4.52 2.05
N ILE A 50 12.35 3.71 1.02
CA ILE A 50 11.32 2.68 1.12
C ILE A 50 11.97 1.38 0.65
N THR A 51 11.43 0.25 1.10
CA THR A 51 11.91 -1.03 0.65
C THR A 51 10.76 -1.73 -0.06
N ALA A 52 11.04 -2.32 -1.23
CA ALA A 52 10.04 -3.03 -2.00
C ALA A 52 9.84 -4.46 -1.47
N HIS A 53 8.61 -4.79 -1.05
CA HIS A 53 8.16 -6.08 -0.51
C HIS A 53 9.21 -6.83 0.34
N PRO A 54 9.76 -6.20 1.40
CA PRO A 54 10.66 -6.97 2.27
C PRO A 54 9.96 -8.14 2.95
N ASN A 55 10.72 -9.20 3.18
CA ASN A 55 10.26 -10.35 3.95
C ASN A 55 11.30 -10.49 5.05
N SER A 56 11.16 -9.65 6.09
CA SER A 56 12.09 -9.55 7.20
C SER A 56 13.49 -9.30 6.61
N ASP A 57 14.49 -10.12 6.91
CA ASP A 57 15.81 -9.94 6.33
C ASP A 57 16.12 -11.02 5.28
N LYS A 58 15.08 -11.72 4.77
CA LYS A 58 15.19 -12.83 3.82
C LYS A 58 15.15 -12.44 2.34
N GLY A 59 15.19 -11.15 2.02
CA GLY A 59 15.20 -10.72 0.63
C GLY A 59 14.11 -9.73 0.29
N ASN A 60 14.37 -8.88 -0.72
CA ASN A 60 13.41 -7.84 -1.12
C ASN A 60 13.61 -7.37 -2.56
N GLY A 61 12.77 -6.45 -3.00
CA GLY A 61 12.82 -5.90 -4.35
C GLY A 61 13.68 -4.67 -4.50
N GLY A 62 14.47 -4.34 -3.49
CA GLY A 62 15.38 -3.21 -3.47
C GLY A 62 14.99 -2.11 -2.50
N ILE A 63 15.91 -1.14 -2.29
CA ILE A 63 15.73 0.04 -1.47
C ILE A 63 15.80 1.23 -2.41
N TYR A 64 14.82 2.12 -2.30
CA TYR A 64 14.63 3.27 -3.17
C TYR A 64 14.47 4.56 -2.39
N SER A 65 15.01 5.66 -2.91
CA SER A 65 14.87 6.95 -2.25
C SER A 65 13.57 7.60 -2.65
N ILE A 66 12.95 8.31 -1.72
CA ILE A 66 11.78 9.13 -2.02
C ILE A 66 12.28 10.42 -2.70
N LYS A 67 11.74 10.71 -3.87
CA LYS A 67 12.13 11.92 -4.60
C LYS A 67 11.06 13.01 -4.58
N LYS A 68 9.82 12.65 -4.27
CA LYS A 68 8.74 13.63 -4.22
C LYS A 68 7.58 13.10 -3.39
N ILE A 69 6.90 14.00 -2.67
CA ILE A 69 5.72 13.69 -1.89
C ILE A 69 4.61 14.66 -2.32
N ILE A 70 3.44 14.11 -2.70
CA ILE A 70 2.29 14.90 -3.17
C ILE A 70 1.09 14.52 -2.36
N ASN A 71 0.65 15.40 -1.48
CA ASN A 71 -0.50 15.14 -0.62
C ASN A 71 -1.81 15.45 -1.30
N TYR A 72 -2.80 14.57 -1.18
CA TYR A 72 -4.12 14.79 -1.77
C TYR A 72 -4.72 16.10 -1.26
N PRO A 73 -5.17 17.02 -2.16
CA PRO A 73 -5.79 18.27 -1.67
C PRO A 73 -7.06 18.09 -0.84
N GLY A 74 -7.94 17.15 -1.15
CA GLY A 74 -9.12 16.89 -0.31
C GLY A 74 -8.79 16.41 1.10
N LYS A 75 -9.79 16.22 1.97
CA LYS A 75 -9.53 15.79 3.36
C LYS A 75 -9.06 14.32 3.49
N GLU A 76 -9.27 13.51 2.44
CA GLU A 76 -8.91 12.08 2.44
C GLU A 76 -7.44 11.84 2.72
N ASP A 77 -7.16 10.84 3.55
CA ASP A 77 -5.84 10.52 4.02
C ASP A 77 -5.02 9.72 3.00
N VAL A 78 -4.68 10.38 1.87
CA VAL A 78 -3.96 9.79 0.73
C VAL A 78 -2.80 10.66 0.33
N SER A 79 -1.66 10.04 0.03
CA SER A 79 -0.48 10.76 -0.41
C SER A 79 0.19 9.97 -1.48
N VAL A 80 0.69 10.65 -2.53
CA VAL A 80 1.44 10.03 -3.59
C VAL A 80 2.89 10.22 -3.29
N ILE A 81 3.69 9.17 -3.45
CA ILE A 81 5.12 9.18 -3.21
C ILE A 81 5.80 8.75 -4.49
N GLN A 82 6.71 9.59 -5.00
CA GLN A 82 7.51 9.17 -6.14
C GLN A 82 8.88 8.80 -5.61
N VAL A 83 9.46 7.76 -6.18
CA VAL A 83 10.79 7.31 -5.81
C VAL A 83 11.76 7.58 -6.95
N GLU A 84 13.05 7.70 -6.60
CA GLU A 84 14.08 7.76 -7.64
C GLU A 84 14.04 6.37 -8.29
N GLU A 85 13.96 6.31 -9.63
CA GLU A 85 13.87 5.08 -10.41
C GLU A 85 15.06 4.12 -10.19
N ARG A 86 16.28 4.67 -9.99
CA ARG A 86 17.43 3.80 -9.78
C ARG A 86 17.58 3.52 -8.28
N ALA A 87 17.50 2.24 -7.92
CA ALA A 87 17.61 1.76 -6.54
C ALA A 87 18.90 2.18 -5.90
N ILE A 88 18.85 2.46 -4.59
CA ILE A 88 19.97 2.73 -3.68
C ILE A 88 20.63 1.36 -3.41
N GLU A 89 19.82 0.30 -3.27
CA GLU A 89 20.29 -1.07 -3.12
C GLU A 89 19.43 -1.86 -4.07
N ARG A 90 20.06 -2.49 -5.03
CA ARG A 90 19.43 -3.27 -6.07
C ARG A 90 18.51 -4.40 -5.61
N GLY A 91 17.45 -4.61 -6.38
CA GLY A 91 16.57 -5.75 -6.26
C GLY A 91 17.12 -6.84 -7.17
N PRO A 92 16.46 -8.01 -7.23
CA PRO A 92 16.97 -9.09 -8.10
C PRO A 92 16.83 -8.87 -9.60
N LYS A 93 16.01 -7.89 -10.03
CA LYS A 93 15.76 -7.65 -11.46
C LYS A 93 16.38 -6.35 -12.00
N GLY A 94 17.56 -6.02 -11.52
CA GLY A 94 18.26 -4.82 -11.95
C GLY A 94 17.98 -3.61 -11.07
N PHE A 95 18.56 -2.45 -11.44
CA PHE A 95 18.42 -1.24 -10.62
C PHE A 95 17.11 -0.51 -10.78
N ASN A 96 16.33 -0.86 -11.80
CA ASN A 96 15.10 -0.13 -12.07
C ASN A 96 13.97 -0.56 -11.15
N PHE A 97 13.42 0.42 -10.43
CA PHE A 97 12.27 0.19 -9.56
C PHE A 97 11.14 -0.56 -10.27
N ASN A 98 10.78 -0.10 -11.48
CA ASN A 98 9.67 -0.61 -12.24
C ASN A 98 9.85 -2.05 -12.71
N ASP A 99 11.08 -2.54 -12.73
CA ASP A 99 11.39 -3.91 -13.11
C ASP A 99 11.31 -4.84 -11.91
N ASN A 100 11.23 -4.28 -10.70
CA ASN A 100 11.27 -5.07 -9.49
C ASN A 100 9.94 -5.15 -8.76
N VAL A 101 8.95 -4.37 -9.21
CA VAL A 101 7.66 -4.32 -8.50
C VAL A 101 6.52 -4.51 -9.48
N THR A 102 5.29 -4.72 -8.96
CA THR A 102 4.12 -4.86 -9.83
C THR A 102 3.03 -3.89 -9.38
N PRO A 103 2.67 -2.84 -10.13
CA PRO A 103 1.56 -1.96 -9.69
C PRO A 103 0.24 -2.69 -9.62
N PHE A 104 -0.65 -2.20 -8.74
CA PHE A 104 -1.99 -2.75 -8.65
C PHE A 104 -2.88 -2.01 -9.61
N LYS A 105 -3.91 -2.72 -10.06
CA LYS A 105 -4.97 -2.23 -10.94
C LYS A 105 -6.16 -1.99 -10.05
N TYR A 106 -7.10 -1.18 -10.51
CA TYR A 106 -8.27 -0.80 -9.77
C TYR A 106 -9.44 -1.67 -10.06
N ALA A 107 -10.19 -1.98 -9.03
CA ALA A 107 -11.44 -2.69 -9.20
C ALA A 107 -12.45 -1.72 -9.83
N ALA A 108 -13.50 -2.24 -10.48
CA ALA A 108 -14.50 -1.36 -11.07
C ALA A 108 -15.37 -0.67 -10.01
N GLY A 109 -15.48 -1.34 -8.85
CA GLY A 109 -16.22 -0.87 -7.69
C GLY A 109 -16.18 -1.88 -6.57
N ALA A 110 -16.87 -1.59 -5.48
CA ALA A 110 -16.98 -2.51 -4.34
C ALA A 110 -18.37 -2.39 -3.77
N LYS A 111 -18.86 -3.45 -3.11
CA LYS A 111 -20.19 -3.44 -2.47
C LYS A 111 -20.13 -4.09 -1.09
N ALA A 112 -21.08 -3.74 -0.20
CA ALA A 112 -21.19 -4.33 1.11
C ALA A 112 -21.37 -5.84 0.96
N GLY A 113 -20.69 -6.61 1.80
CA GLY A 113 -20.76 -8.07 1.77
C GLY A 113 -19.64 -8.75 1.00
N GLU A 114 -18.91 -7.99 0.14
CA GLU A 114 -17.78 -8.56 -0.61
C GLU A 114 -16.58 -8.73 0.33
N ARG A 115 -15.76 -9.75 0.09
CA ARG A 115 -14.58 -10.04 0.89
C ARG A 115 -13.38 -9.28 0.36
N ILE A 116 -12.74 -8.50 1.23
CA ILE A 116 -11.55 -7.76 0.86
C ILE A 116 -10.32 -8.34 1.60
N LYS A 117 -9.13 -7.93 1.19
N LYS A 117 -9.12 -7.91 1.15
CA LYS A 117 -7.90 -8.36 1.84
CA LYS A 117 -7.81 -8.35 1.61
C LYS A 117 -7.06 -7.11 1.98
C LYS A 117 -6.93 -7.13 1.90
N VAL A 118 -6.48 -6.95 3.17
CA VAL A 118 -5.56 -5.88 3.50
C VAL A 118 -4.19 -6.55 3.61
N ILE A 119 -3.19 -6.06 2.90
CA ILE A 119 -1.87 -6.67 2.95
C ILE A 119 -0.91 -5.60 3.39
N GLY A 120 -0.14 -5.84 4.46
CA GLY A 120 0.77 -4.78 4.89
C GLY A 120 1.65 -5.28 6.00
N TYR A 121 2.35 -4.31 6.61
CA TYR A 121 3.34 -4.54 7.64
C TYR A 121 2.87 -4.12 9.01
N PRO A 122 2.16 -4.99 9.73
CA PRO A 122 1.68 -4.60 11.08
C PRO A 122 2.89 -4.56 12.04
N HIS A 123 2.92 -3.57 12.97
N HIS A 123 2.92 -3.59 12.98
CA HIS A 123 4.00 -3.34 13.96
CA HIS A 123 4.01 -3.39 13.98
C HIS A 123 5.36 -3.77 13.40
C HIS A 123 5.36 -3.79 13.40
N PRO A 124 5.81 -3.07 12.35
CA PRO A 124 7.01 -3.49 11.62
C PRO A 124 8.30 -3.56 12.42
N TYR A 125 8.45 -2.71 13.44
CA TYR A 125 9.65 -2.78 14.27
C TYR A 125 9.65 -4.07 15.08
N LYS A 126 8.53 -4.38 15.74
CA LYS A 126 8.38 -5.58 16.57
C LYS A 126 8.45 -6.84 15.71
N ASN A 127 7.75 -6.84 14.55
CA ASN A 127 7.66 -8.01 13.68
C ASN A 127 8.81 -8.17 12.70
N LYS A 128 9.71 -7.17 12.65
CA LYS A 128 10.87 -7.20 11.75
C LYS A 128 10.45 -7.22 10.27
N TYR A 129 9.47 -6.37 9.89
CA TYR A 129 9.04 -6.20 8.50
C TYR A 129 8.58 -7.52 7.83
N VAL A 130 7.65 -8.21 8.52
CA VAL A 130 6.98 -9.44 8.08
C VAL A 130 5.64 -8.96 7.52
N LEU A 131 5.28 -9.42 6.33
CA LEU A 131 4.02 -9.08 5.73
C LEU A 131 2.91 -10.00 6.28
N TYR A 132 1.73 -9.43 6.54
CA TYR A 132 0.55 -10.19 6.94
C TYR A 132 -0.57 -9.85 5.99
N GLU A 133 -1.46 -10.78 5.78
N GLU A 133 -1.48 -10.81 5.79
CA GLU A 133 -2.64 -10.51 4.99
CA GLU A 133 -2.66 -10.70 4.94
C GLU A 133 -3.83 -10.76 5.91
C GLU A 133 -3.91 -10.89 5.82
N SER A 134 -4.83 -9.92 5.77
CA SER A 134 -6.00 -9.90 6.63
C SER A 134 -7.26 -9.74 5.82
N THR A 135 -8.21 -10.67 5.97
CA THR A 135 -9.42 -10.62 5.14
C THR A 135 -10.67 -10.42 5.98
N GLY A 136 -11.69 -9.87 5.35
CA GLY A 136 -12.97 -9.64 6.00
C GLY A 136 -13.94 -8.96 5.06
N PRO A 137 -15.20 -8.85 5.50
CA PRO A 137 -16.24 -8.25 4.66
C PRO A 137 -16.27 -6.74 4.61
N VAL A 138 -16.68 -6.20 3.45
CA VAL A 138 -16.96 -4.77 3.29
C VAL A 138 -18.32 -4.50 4.02
N MET A 139 -18.34 -3.51 4.92
CA MET A 139 -19.54 -3.12 5.67
C MET A 139 -20.36 -2.07 4.92
N SER A 140 -19.69 -1.12 4.24
CA SER A 140 -20.37 -0.05 3.50
C SER A 140 -19.43 0.66 2.56
N VAL A 141 -19.99 1.23 1.49
CA VAL A 141 -19.25 2.03 0.51
C VAL A 141 -20.10 3.29 0.29
N GLU A 142 -19.57 4.46 0.69
CA GLU A 142 -20.29 5.74 0.61
C GLU A 142 -19.29 6.81 0.22
N GLY A 143 -19.39 7.30 -1.01
CA GLY A 143 -18.49 8.32 -1.53
C GLY A 143 -17.06 7.82 -1.50
N SER A 144 -16.16 8.57 -0.84
CA SER A 144 -14.74 8.22 -0.72
C SER A 144 -14.44 7.37 0.54
N SER A 145 -15.49 6.82 1.15
CA SER A 145 -15.31 6.01 2.34
C SER A 145 -15.70 4.56 2.12
N ILE A 146 -14.77 3.65 2.44
CA ILE A 146 -15.03 2.21 2.43
C ILE A 146 -14.74 1.74 3.84
N VAL A 147 -15.69 0.99 4.41
CA VAL A 147 -15.64 0.48 5.77
C VAL A 147 -15.64 -1.04 5.65
N TYR A 148 -14.75 -1.70 6.40
CA TYR A 148 -14.64 -3.16 6.32
C TYR A 148 -14.28 -3.72 7.68
N SER A 149 -14.65 -4.98 7.91
CA SER A 149 -14.37 -5.63 9.15
C SER A 149 -13.25 -6.61 8.88
N ALA A 150 -12.03 -6.12 8.95
CA ALA A 150 -10.84 -6.95 8.79
C ALA A 150 -9.90 -6.45 9.87
N HIS A 151 -9.15 -7.37 10.44
CA HIS A 151 -8.17 -7.01 11.46
C HIS A 151 -7.05 -6.13 10.87
N THR A 152 -6.76 -4.98 11.52
CA THR A 152 -5.64 -4.13 11.11
C THR A 152 -4.98 -3.65 12.39
N GLU A 153 -3.75 -3.16 12.28
CA GLU A 153 -3.01 -2.65 13.43
C GLU A 153 -2.18 -1.49 13.02
N ARG A 154 -1.50 -0.88 14.02
CA ARG A 154 -0.51 0.13 13.71
C ARG A 154 0.52 -0.51 12.78
N GLY A 155 0.96 0.25 11.79
CA GLY A 155 1.87 -0.28 10.78
C GLY A 155 1.12 -0.55 9.48
N ASN A 156 -0.19 -0.88 9.58
CA ASN A 156 -1.04 -1.13 8.42
C ASN A 156 -1.42 0.17 7.72
N SER A 157 -1.21 1.36 8.33
CA SER A 157 -1.45 2.60 7.62
C SER A 157 -0.81 2.52 6.23
N GLY A 158 -1.61 2.80 5.20
CA GLY A 158 -1.11 2.84 3.83
C GLY A 158 -1.23 1.51 3.08
N SER A 159 -1.79 0.49 3.73
CA SER A 159 -1.94 -0.80 3.07
C SER A 159 -2.98 -0.77 1.96
N PRO A 160 -2.74 -1.52 0.89
CA PRO A 160 -3.81 -1.65 -0.11
C PRO A 160 -4.96 -2.49 0.41
N VAL A 161 -6.20 -2.16 0.00
CA VAL A 161 -7.41 -2.93 0.30
C VAL A 161 -7.79 -3.51 -1.06
N LEU A 162 -7.72 -4.84 -1.18
CA LEU A 162 -7.93 -5.52 -2.45
C LEU A 162 -9.15 -6.38 -2.47
N ASN A 163 -9.69 -6.57 -3.67
CA ASN A 163 -10.79 -7.50 -3.80
C ASN A 163 -10.22 -8.92 -4.04
N SER A 164 -11.11 -9.89 -4.30
CA SER A 164 -10.68 -11.27 -4.46
C SER A 164 -9.79 -11.52 -5.67
N ASN A 165 -9.78 -10.58 -6.65
CA ASN A 165 -8.97 -10.70 -7.84
C ASN A 165 -7.75 -9.78 -7.74
N ASN A 166 -7.34 -9.41 -6.49
CA ASN A 166 -6.14 -8.57 -6.27
C ASN A 166 -6.21 -7.21 -6.93
N GLU A 167 -7.43 -6.66 -7.03
CA GLU A 167 -7.65 -5.30 -7.58
C GLU A 167 -7.99 -4.32 -6.45
N LEU A 168 -7.49 -3.07 -6.52
CA LEU A 168 -7.73 -2.05 -5.51
C LEU A 168 -9.15 -1.59 -5.34
N VAL A 169 -9.65 -1.64 -4.11
CA VAL A 169 -10.93 -1.05 -3.75
C VAL A 169 -10.65 0.17 -2.84
N GLY A 170 -9.45 0.27 -2.24
CA GLY A 170 -9.16 1.39 -1.36
C GLY A 170 -7.78 1.32 -0.75
N ILE A 171 -7.51 2.29 0.12
CA ILE A 171 -6.25 2.37 0.88
C ILE A 171 -6.61 2.51 2.34
N HIS A 172 -6.08 1.60 3.16
CA HIS A 172 -6.39 1.58 4.57
C HIS A 172 -5.81 2.82 5.27
N PHE A 173 -6.57 3.44 6.22
CA PHE A 173 -6.00 4.56 6.97
C PHE A 173 -6.30 4.52 8.46
N ALA A 174 -7.41 3.87 8.89
CA ALA A 174 -7.75 3.87 10.32
C ALA A 174 -8.29 2.54 10.81
N SER A 175 -7.78 2.09 11.98
CA SER A 175 -8.21 0.86 12.68
C SER A 175 -9.22 1.27 13.76
N ASP A 176 -10.27 0.44 13.98
CA ASP A 176 -11.32 0.65 14.99
C ASP A 176 -11.93 2.05 15.02
N ARG A 183 -17.67 -1.04 15.87
CA ARG A 183 -16.28 -0.74 15.50
C ARG A 183 -15.88 -1.48 14.24
N ASN A 184 -15.19 -0.76 13.31
CA ASN A 184 -14.74 -1.29 12.02
C ASN A 184 -13.46 -0.56 11.54
N ALA A 185 -12.83 -1.07 10.47
CA ALA A 185 -11.66 -0.44 9.83
C ALA A 185 -12.13 0.46 8.68
N TYR A 186 -11.38 1.53 8.43
CA TYR A 186 -11.75 2.53 7.44
C TYR A 186 -10.65 2.75 6.46
N GLY A 187 -11.06 2.79 5.22
CA GLY A 187 -10.18 3.07 4.10
C GLY A 187 -10.74 4.17 3.21
N VAL A 188 -9.89 4.68 2.33
CA VAL A 188 -10.33 5.68 1.37
C VAL A 188 -10.70 4.88 0.13
N TYR A 189 -11.93 5.04 -0.34
CA TYR A 189 -12.41 4.37 -1.55
C TYR A 189 -11.97 5.22 -2.72
N PHE A 190 -11.49 4.59 -3.80
CA PHE A 190 -10.99 5.31 -4.96
C PHE A 190 -12.13 5.84 -5.83
N THR A 191 -12.53 7.09 -5.54
CA THR A 191 -13.57 7.79 -6.32
C THR A 191 -12.91 8.36 -7.57
N PRO A 192 -13.70 8.84 -8.58
CA PRO A 192 -13.06 9.45 -9.75
C PRO A 192 -12.14 10.62 -9.41
N GLU A 193 -12.51 11.50 -8.44
CA GLU A 193 -11.70 12.66 -8.06
C GLU A 193 -10.31 12.24 -7.52
N ILE A 194 -10.27 11.20 -6.67
CA ILE A 194 -9.03 10.65 -6.09
C ILE A 194 -8.20 9.95 -7.19
N LYS A 195 -8.84 9.11 -8.04
CA LYS A 195 -8.17 8.45 -9.16
C LYS A 195 -7.55 9.47 -10.11
N LYS A 196 -8.26 10.60 -10.34
CA LYS A 196 -7.80 11.71 -11.18
C LYS A 196 -6.54 12.30 -10.53
N PHE A 197 -6.58 12.56 -9.19
CA PHE A 197 -5.42 13.07 -8.47
C PHE A 197 -4.23 12.12 -8.62
N ILE A 198 -4.44 10.80 -8.42
CA ILE A 198 -3.35 9.82 -8.53
C ILE A 198 -2.75 9.80 -9.93
N ALA A 199 -3.61 9.64 -10.99
CA ALA A 199 -3.14 9.60 -12.38
C ALA A 199 -2.33 10.85 -12.77
N GLU A 200 -2.76 12.03 -12.30
CA GLU A 200 -2.07 13.30 -12.58
C GLU A 200 -0.67 13.36 -11.95
N ASN A 201 -0.46 12.61 -10.83
CA ASN A 201 0.79 12.71 -10.11
C ASN A 201 1.67 11.46 -10.18
N ILE A 202 1.36 10.54 -11.12
CA ILE A 202 2.23 9.40 -11.41
C ILE A 202 3.39 10.01 -12.17
N ASP A 203 4.62 9.64 -11.79
CA ASP A 203 5.81 10.20 -12.40
C ASP A 203 5.82 9.91 -13.88
N LYS A 204 6.14 10.93 -14.68
CA LYS A 204 6.26 10.76 -16.14
C LYS A 204 7.62 10.11 -16.48
N GLY A 205 8.62 10.35 -15.63
CA GLY A 205 9.98 9.87 -15.81
C GLY A 205 10.80 10.89 -16.58
N SER A 206 11.95 10.47 -17.13
CA SER A 206 12.83 11.36 -17.88
C SER A 206 13.30 10.78 -19.21
OH2 1PE B . 18.24 2.73 5.81
C12 1PE B . 17.13 1.84 5.93
C22 1PE B . 16.34 1.78 4.67
OH3 1PE B . 15.09 1.16 4.92
C13 1PE B . 12.75 1.17 4.41
C23 1PE B . 13.98 1.99 4.62
OH4 1PE B . 12.43 0.45 5.59
C14 1PE B . 12.87 -1.82 6.18
C24 1PE B . 12.07 -0.91 5.33
OH5 1PE B . 12.84 -3.15 5.66
C15 1PE B . 13.82 -5.08 6.70
C25 1PE B . 14.06 -3.84 5.88
OH6 1PE B . 15.03 -5.50 7.35
C16 1PE B . 14.94 -6.12 9.67
C26 1PE B . 15.16 -5.01 8.68
OH7 1PE B . 14.72 -5.59 10.96
OH2 1PE C . 9.08 -9.53 -14.25
C12 1PE C . 7.99 -8.63 -14.09
C22 1PE C . 8.20 -7.74 -12.90
OH3 1PE C . 8.29 -8.53 -11.73
C13 1PE C . 8.37 -8.57 -9.35
C23 1PE C . 8.61 -7.77 -10.58
OH4 1PE C . 9.20 -9.71 -9.37
C14 1PE C . 10.28 -11.43 -8.12
C24 1PE C . 9.24 -10.37 -8.12
OH5 1PE C . 9.93 -12.45 -9.06
C15 1PE C . 11.22 -14.48 -9.06
C25 1PE C . 10.03 -13.77 -8.51
OH6 1PE C . 12.39 -13.72 -8.81
C1 PEG D . 20.59 -11.13 -8.36
O1 PEG D . 19.78 -10.65 -9.43
C2 PEG D . 19.86 -11.25 -7.09
O2 PEG D . 18.73 -12.10 -7.25
C3 PEG D . 18.43 -12.91 -6.12
C4 PEG D . 18.00 -12.10 -4.93
O4 PEG D . 17.64 -12.93 -3.85
#